data_8QG2
#
_entry.id   8QG2
#
_cell.length_a   62.691
_cell.length_b   75.017
_cell.length_c   118.304
_cell.angle_alpha   90.000
_cell.angle_beta   90.000
_cell.angle_gamma   90.000
#
_symmetry.space_group_name_H-M   'I 2 2 2'
#
loop_
_entity.id
_entity.type
_entity.pdbx_description
1 polymer 'NAD kinase 1'
2 non-polymer 'CITRIC ACID'
3 non-polymer ~{N}-[[(2~{R},3~{S},4~{R},5~{R})-5-[8-[3-[[(2~{R},3~{S},4~{R},5~{R})-5-(6-aminopurin-9-yl)-3,4-bis(oxidanyl)oxolan-2-yl]methoxy]prop-1-ynyl]-6-azanyl-purin-9-yl]-3,4-bis(oxidanyl)oxolan-2-yl]methyl]-2-(2-azanyl-2-oxidanylidene-ethyl)benzamide
4 water water
#
_entity_poly.entity_id   1
_entity_poly.type   'polypeptide(L)'
_entity_poly.pdbx_seq_one_letter_code
;MKYMITSKGDEKSDLLRLNMIAGFGEYDMEYDDVEPEIVISIGGDGTFLSAFHQYEERLDEIAFIGIHTGHLGFYADWRP
AEADKLVKLLAKGEYQKVSYPLLKTTVKYGIGKKEATYLALNESTVKSSGGPFVVDVVINDIHFERFRGDGLCMSTPSGT
TAYNKSLGGALMHPSIEAMQLTEMASINNRVYRTIGSPLVFPKHHVVSLQPVNDKDFQISVDHLSILHRDVQEIRYEVSA
KKIHFARFRSFPFWRRVHDSFIEDLEHHHHHH
;
_entity_poly.pdbx_strand_id   A
#
loop_
_chem_comp.id
_chem_comp.type
_chem_comp.name
_chem_comp.formula
CIT non-polymer 'CITRIC ACID' 'C6 H8 O7'
V2Y non-polymer ~{N}-[[(2~{R},3~{S},4~{R},5~{R})-5-[8-[3-[[(2~{R},3~{S},4~{R},5~{R})-5-(6-aminopurin-9-yl)-3,4-bis(oxidanyl)oxolan-2-yl]methoxy]prop-1-ynyl]-6-azanyl-purin-9-yl]-3,4-bis(oxidanyl)oxolan-2-yl]methyl]-2-(2-azanyl-2-oxidanylidene-ethyl)benzamide 'C32 H34 N12 O9'
#
# COMPACT_ATOMS: atom_id res chain seq x y z
N MET A 1 -9.99 17.75 17.42
CA MET A 1 -9.36 18.06 16.15
C MET A 1 -10.31 17.73 15.01
N LYS A 2 -9.97 18.12 13.78
CA LYS A 2 -10.77 17.66 12.66
C LYS A 2 -10.54 16.17 12.46
N TYR A 3 -11.62 15.42 12.23
CA TYR A 3 -11.51 13.99 12.00
C TYR A 3 -12.56 13.59 10.98
N MET A 4 -12.36 12.43 10.35
CA MET A 4 -13.45 11.86 9.58
C MET A 4 -13.42 10.34 9.73
N ILE A 5 -14.53 9.69 9.38
CA ILE A 5 -14.64 8.24 9.49
C ILE A 5 -15.20 7.70 8.19
N THR A 6 -14.48 6.75 7.57
CA THR A 6 -14.95 6.09 6.37
C THR A 6 -15.45 4.71 6.77
N SER A 7 -16.51 4.23 6.12
CA SER A 7 -17.13 2.96 6.47
C SER A 7 -17.11 2.02 5.28
N LYS A 8 -16.98 0.71 5.54
CA LYS A 8 -17.17 -0.27 4.47
C LYS A 8 -18.57 -0.19 3.88
N GLY A 9 -19.55 0.27 4.66
CA GLY A 9 -20.89 0.40 4.15
C GLY A 9 -21.79 -0.77 4.45
N ASP A 10 -21.30 -1.77 5.17
CA ASP A 10 -22.25 -2.74 5.64
C ASP A 10 -22.90 -2.22 6.93
N GLU A 11 -23.91 -2.94 7.38
CA GLU A 11 -24.68 -2.49 8.52
C GLU A 11 -23.81 -2.31 9.75
N LYS A 12 -22.99 -3.32 10.06
CA LYS A 12 -22.11 -3.29 11.22
C LYS A 12 -21.19 -2.07 11.20
N SER A 13 -20.55 -1.82 10.05
CA SER A 13 -19.58 -0.74 10.00
C SER A 13 -20.26 0.63 10.05
N ASP A 14 -21.43 0.75 9.42
CA ASP A 14 -22.10 2.05 9.42
C ASP A 14 -22.56 2.42 10.82
N LEU A 15 -23.06 1.43 11.57
CA LEU A 15 -23.56 1.68 12.91
C LEU A 15 -22.43 2.07 13.85
N LEU A 16 -21.31 1.34 13.77
CA LEU A 16 -20.13 1.71 14.54
C LEU A 16 -19.67 3.13 14.22
N ARG A 17 -19.67 3.50 12.94
CA ARG A 17 -19.29 4.86 12.57
C ARG A 17 -20.22 5.89 13.20
N LEU A 18 -21.54 5.70 13.09
CA LEU A 18 -22.45 6.68 13.69
C LEU A 18 -22.26 6.75 15.20
N ASN A 19 -22.00 5.61 15.85
CA ASN A 19 -21.81 5.64 17.29
C ASN A 19 -20.52 6.34 17.67
N MET A 20 -19.44 6.14 16.90
CA MET A 20 -18.22 6.87 17.19
C MET A 20 -18.39 8.35 16.96
N ILE A 21 -19.12 8.74 15.91
CA ILE A 21 -19.38 10.17 15.72
C ILE A 21 -20.11 10.73 16.94
N ALA A 22 -21.11 10.00 17.44
CA ALA A 22 -21.84 10.49 18.61
C ALA A 22 -20.90 10.66 19.79
N GLY A 23 -20.03 9.67 20.02
CA GLY A 23 -19.04 9.78 21.10
C GLY A 23 -18.08 10.94 20.91
N PHE A 24 -17.64 11.18 19.67
CA PHE A 24 -16.77 12.33 19.42
C PHE A 24 -17.50 13.64 19.68
N GLY A 25 -18.82 13.67 19.46
CA GLY A 25 -19.58 14.87 19.77
C GLY A 25 -19.54 15.24 21.24
N GLU A 26 -19.23 14.28 22.11
CA GLU A 26 -19.09 14.56 23.53
C GLU A 26 -17.75 15.22 23.87
N TYR A 27 -16.85 15.43 22.90
CA TYR A 27 -15.56 16.09 23.09
C TYR A 27 -15.44 17.31 22.16
N ASP A 28 -14.26 17.93 22.18
CA ASP A 28 -13.91 19.01 21.25
C ASP A 28 -13.32 18.42 19.97
N MET A 29 -14.21 17.81 19.19
CA MET A 29 -13.84 17.08 17.99
C MET A 29 -14.82 17.41 16.89
N GLU A 30 -14.32 18.03 15.83
CA GLU A 30 -15.10 18.50 14.71
C GLU A 30 -14.98 17.52 13.54
N TYR A 31 -16.13 17.11 12.98
CA TYR A 31 -16.15 16.25 11.80
C TYR A 31 -15.85 17.10 10.56
N ASP A 32 -14.83 16.70 9.80
CA ASP A 32 -14.46 17.43 8.59
C ASP A 32 -13.82 16.41 7.67
N ASP A 33 -14.48 16.06 6.57
CA ASP A 33 -13.87 15.12 5.64
C ASP A 33 -13.12 15.82 4.51
N VAL A 34 -12.78 17.10 4.68
CA VAL A 34 -11.95 17.82 3.74
C VAL A 34 -10.52 17.99 4.25
N GLU A 35 -10.35 18.53 5.45
CA GLU A 35 -9.04 18.62 6.08
C GLU A 35 -9.04 17.95 7.46
N PRO A 36 -9.31 16.65 7.53
CA PRO A 36 -9.14 15.95 8.82
C PRO A 36 -7.67 15.87 9.24
N GLU A 37 -7.47 15.81 10.55
CA GLU A 37 -6.19 15.45 11.13
C GLU A 37 -6.16 13.97 11.51
N ILE A 38 -7.33 13.36 11.64
CA ILE A 38 -7.49 11.97 12.03
C ILE A 38 -8.43 11.34 11.02
N VAL A 39 -8.05 10.19 10.50
CA VAL A 39 -8.88 9.47 9.53
C VAL A 39 -9.03 8.08 10.08
N ILE A 40 -10.26 7.70 10.41
CA ILE A 40 -10.57 6.40 10.99
C ILE A 40 -11.29 5.60 9.91
N SER A 41 -10.81 4.40 9.66
CA SER A 41 -11.43 3.53 8.68
C SER A 41 -12.07 2.37 9.43
N ILE A 42 -13.32 2.05 9.09
CA ILE A 42 -14.08 0.97 9.73
C ILE A 42 -14.49 -0.03 8.66
N GLY A 43 -13.95 -1.24 8.74
CA GLY A 43 -14.24 -2.25 7.76
C GLY A 43 -13.12 -3.26 7.73
N GLY A 44 -12.36 -3.22 6.63
CA GLY A 44 -11.27 -4.14 6.51
C GLY A 44 -10.06 -3.40 5.97
N ASP A 45 -9.07 -4.17 5.54
CA ASP A 45 -7.89 -3.57 4.94
C ASP A 45 -8.21 -2.84 3.64
N GLY A 46 -9.20 -3.33 2.87
CA GLY A 46 -9.60 -2.61 1.66
C GLY A 46 -10.16 -1.24 1.97
N THR A 47 -11.01 -1.16 3.03
CA THR A 47 -11.51 0.12 3.47
C THR A 47 -10.37 1.03 3.85
N PHE A 48 -9.38 0.48 4.56
CA PHE A 48 -8.27 1.32 5.02
C PHE A 48 -7.48 1.82 3.82
N LEU A 49 -7.22 0.95 2.84
CA LEU A 49 -6.50 1.39 1.63
C LEU A 49 -7.27 2.49 0.90
N SER A 50 -8.61 2.40 0.86
CA SER A 50 -9.34 3.47 0.19
C SER A 50 -9.24 4.78 0.97
N ALA A 51 -9.19 4.70 2.30
CA ALA A 51 -9.02 5.90 3.11
C ALA A 51 -7.68 6.54 2.83
N PHE A 52 -6.63 5.73 2.81
CA PHE A 52 -5.28 6.22 2.50
C PHE A 52 -5.25 6.96 1.17
N HIS A 53 -5.84 6.37 0.13
CA HIS A 53 -5.80 7.00 -1.19
C HIS A 53 -6.74 8.20 -1.29
N GLN A 54 -7.84 8.22 -0.53
CA GLN A 54 -8.68 9.42 -0.50
C GLN A 54 -7.88 10.61 0.01
N TYR A 55 -6.92 10.41 0.90
CA TYR A 55 -6.22 11.51 1.54
C TYR A 55 -4.73 11.51 1.24
N GLU A 56 -4.33 10.93 0.12
CA GLU A 56 -2.89 10.76 -0.11
C GLU A 56 -2.18 12.07 -0.39
N GLU A 57 -2.91 13.16 -0.60
CA GLU A 57 -2.27 14.46 -0.79
C GLU A 57 -2.04 15.22 0.51
N ARG A 58 -2.51 14.71 1.65
CA ARG A 58 -2.31 15.36 2.94
C ARG A 58 -1.73 14.36 3.95
N LEU A 59 -0.81 13.50 3.50
CA LEU A 59 -0.38 12.41 4.37
C LEU A 59 0.42 12.89 5.56
N ASP A 60 1.18 13.97 5.39
CA ASP A 60 1.98 14.44 6.51
C ASP A 60 1.17 15.12 7.60
N GLU A 61 -0.11 15.40 7.35
CA GLU A 61 -0.97 16.10 8.29
C GLU A 61 -2.04 15.19 8.92
N ILE A 62 -1.97 13.88 8.70
CA ILE A 62 -3.03 12.95 9.09
C ILE A 62 -2.44 11.77 9.86
N ALA A 63 -3.12 11.37 10.93
CA ALA A 63 -2.85 10.09 11.59
C ALA A 63 -4.02 9.15 11.32
N PHE A 64 -3.72 8.00 10.72
CA PHE A 64 -4.70 7.00 10.35
C PHE A 64 -4.90 5.96 11.45
N ILE A 65 -6.14 5.43 11.54
CA ILE A 65 -6.49 4.34 12.47
C ILE A 65 -7.47 3.42 11.77
N GLY A 66 -7.26 2.11 11.91
CA GLY A 66 -8.15 1.18 11.25
C GLY A 66 -8.84 0.28 12.25
N ILE A 67 -10.15 0.10 12.12
CA ILE A 67 -10.92 -0.83 12.94
C ILE A 67 -11.42 -1.93 12.03
N HIS A 68 -11.22 -3.19 12.42
CA HIS A 68 -11.71 -4.30 11.61
C HIS A 68 -13.02 -4.80 12.18
N THR A 69 -14.08 -4.72 11.37
CA THR A 69 -15.34 -5.29 11.80
C THR A 69 -15.51 -6.73 11.34
N GLY A 70 -14.64 -7.20 10.45
CA GLY A 70 -14.46 -8.61 10.17
C GLY A 70 -13.24 -9.15 10.89
N HIS A 71 -12.49 -9.99 10.20
CA HIS A 71 -11.31 -10.53 10.84
C HIS A 71 -10.19 -9.49 10.89
N LEU A 72 -9.18 -9.80 11.69
CA LEU A 72 -8.10 -8.86 11.96
C LEU A 72 -7.43 -8.48 10.64
N GLY A 73 -7.19 -7.17 10.47
CA GLY A 73 -6.50 -6.68 9.31
C GLY A 73 -5.12 -6.25 9.72
N PHE A 74 -4.22 -6.12 8.76
CA PHE A 74 -2.90 -5.63 9.09
C PHE A 74 -2.87 -4.13 9.24
N TYR A 75 -3.82 -3.42 8.65
CA TYR A 75 -3.95 -2.01 8.91
C TYR A 75 -5.15 -1.72 9.79
N ALA A 76 -6.21 -2.49 9.58
CA ALA A 76 -7.43 -2.43 10.39
C ALA A 76 -7.21 -3.36 11.57
N ASP A 77 -6.40 -2.88 12.53
CA ASP A 77 -5.89 -3.80 13.54
C ASP A 77 -6.48 -3.57 14.92
N TRP A 78 -7.57 -2.80 15.04
CA TRP A 78 -8.26 -2.61 16.32
C TRP A 78 -9.68 -3.17 16.24
N ARG A 79 -10.16 -3.73 17.37
CA ARG A 79 -11.46 -4.39 17.43
C ARG A 79 -12.59 -3.40 17.65
N PRO A 80 -13.80 -3.68 17.12
CA PRO A 80 -14.93 -2.80 17.39
C PRO A 80 -15.23 -2.61 18.87
N ALA A 81 -14.92 -3.62 19.70
CA ALA A 81 -15.22 -3.49 21.12
C ALA A 81 -14.39 -2.40 21.76
N GLU A 82 -13.30 -1.99 21.14
CA GLU A 82 -12.45 -0.98 21.73
C GLU A 82 -12.72 0.43 21.18
N ALA A 83 -13.89 0.62 20.55
CA ALA A 83 -14.16 1.88 19.86
C ALA A 83 -14.32 3.03 20.85
N ASP A 84 -15.00 2.78 21.97
CA ASP A 84 -15.15 3.83 22.97
C ASP A 84 -13.79 4.23 23.52
N LYS A 85 -12.92 3.26 23.79
CA LYS A 85 -11.59 3.60 24.28
C LYS A 85 -10.82 4.38 23.23
N LEU A 86 -10.99 4.01 21.96
CA LEU A 86 -10.38 4.75 20.85
C LEU A 86 -10.86 6.20 20.83
N VAL A 87 -12.17 6.41 20.97
CA VAL A 87 -12.70 7.77 21.00
C VAL A 87 -12.05 8.55 22.12
N LYS A 88 -12.08 8.00 23.35
CA LYS A 88 -11.51 8.68 24.51
C LYS A 88 -10.06 9.08 24.25
N LEU A 89 -9.27 8.19 23.67
CA LEU A 89 -7.85 8.48 23.59
C LEU A 89 -7.50 9.41 22.43
N LEU A 90 -8.22 9.32 21.30
CA LEU A 90 -7.98 10.26 20.20
C LEU A 90 -8.41 11.67 20.56
N ALA A 91 -9.53 11.81 21.27
CA ALA A 91 -10.03 13.14 21.58
C ALA A 91 -9.04 13.92 22.43
N LYS A 92 -8.50 13.27 23.45
CA LYS A 92 -7.47 13.87 24.30
C LYS A 92 -6.14 14.06 23.56
N GLY A 93 -5.94 13.36 22.45
CA GLY A 93 -4.70 13.53 21.70
C GLY A 93 -3.49 13.10 22.51
N GLU A 94 -2.37 13.77 22.25
CA GLU A 94 -1.11 13.53 22.94
C GLU A 94 -0.60 12.10 22.75
N TYR A 95 -1.07 11.43 21.71
CA TYR A 95 -0.67 10.06 21.37
C TYR A 95 0.57 10.08 20.47
N GLN A 96 1.26 8.95 20.44
CA GLN A 96 2.42 8.82 19.57
C GLN A 96 1.99 8.39 18.17
N LYS A 97 2.81 8.75 17.18
CA LYS A 97 2.62 8.39 15.78
C LYS A 97 3.66 7.36 15.40
N VAL A 98 3.27 6.44 14.51
CA VAL A 98 4.15 5.45 13.90
C VAL A 98 4.09 5.64 12.40
N SER A 99 5.23 5.58 11.72
CA SER A 99 5.33 5.86 10.29
C SER A 99 5.81 4.63 9.54
N TYR A 100 5.13 4.31 8.43
CA TYR A 100 5.53 3.23 7.52
C TYR A 100 5.97 3.79 6.17
N PRO A 101 6.95 3.18 5.50
CA PRO A 101 7.41 3.68 4.20
C PRO A 101 6.40 3.40 3.09
N LEU A 102 6.51 4.16 1.99
CA LEU A 102 5.56 4.07 0.88
C LEU A 102 6.33 3.84 -0.42
N LEU A 103 5.64 3.42 -1.46
CA LEU A 103 6.29 3.15 -2.74
C LEU A 103 5.88 4.21 -3.75
N LYS A 104 6.86 4.82 -4.43
CA LYS A 104 6.56 5.76 -5.49
C LYS A 104 6.67 5.06 -6.85
N THR A 105 5.62 5.16 -7.65
CA THR A 105 5.61 4.58 -8.99
C THR A 105 5.48 5.71 -9.99
N THR A 106 6.40 5.75 -10.95
CA THR A 106 6.30 6.74 -12.03
C THR A 106 6.09 6.04 -13.36
N VAL A 107 5.08 6.46 -14.11
CA VAL A 107 4.79 5.91 -15.42
C VAL A 107 5.04 7.00 -16.47
N LYS A 108 5.99 6.77 -17.36
CA LYS A 108 6.29 7.69 -18.44
C LYS A 108 5.73 7.14 -19.74
N TYR A 109 5.22 8.03 -20.57
CA TYR A 109 4.57 7.73 -21.84
C TYR A 109 5.34 8.31 -23.02
N GLY A 110 4.92 7.88 -24.21
CA GLY A 110 5.27 8.61 -25.42
C GLY A 110 4.61 9.96 -25.44
N ILE A 111 4.96 10.74 -26.45
CA ILE A 111 4.61 12.14 -26.43
C ILE A 111 3.10 12.30 -26.59
N GLY A 112 2.53 13.26 -25.84
CA GLY A 112 1.10 13.48 -25.78
C GLY A 112 0.52 13.14 -24.42
N LYS A 113 1.12 12.18 -23.72
CA LYS A 113 0.79 11.87 -22.34
C LYS A 113 1.96 12.29 -21.45
N LYS A 114 1.68 13.16 -20.49
CA LYS A 114 2.65 13.50 -19.45
C LYS A 114 2.80 12.35 -18.44
N GLU A 115 3.98 12.26 -17.84
CA GLU A 115 4.23 11.22 -16.84
C GLU A 115 3.25 11.35 -15.66
N ALA A 116 3.01 10.24 -14.99
CA ALA A 116 2.09 10.18 -13.87
C ALA A 116 2.78 9.48 -12.72
N THR A 117 2.57 9.96 -11.50
CA THR A 117 3.09 9.31 -10.32
C THR A 117 1.95 8.83 -9.43
N TYR A 118 2.21 7.71 -8.73
CA TYR A 118 1.25 7.06 -7.84
C TYR A 118 1.97 6.64 -6.57
N LEU A 119 1.28 6.71 -5.45
CA LEU A 119 1.85 6.28 -4.19
C LEU A 119 1.15 4.99 -3.78
N ALA A 120 1.92 4.01 -3.31
CA ALA A 120 1.31 2.75 -2.89
C ALA A 120 1.61 2.47 -1.42
N LEU A 121 0.62 1.95 -0.70
CA LEU A 121 0.79 1.46 0.67
C LEU A 121 1.06 -0.03 0.72
N ASN A 122 0.46 -0.80 -0.19
CA ASN A 122 0.77 -2.22 -0.30
C ASN A 122 1.78 -2.48 -1.41
N GLU A 123 1.39 -2.27 -2.65
CA GLU A 123 2.31 -2.63 -3.74
C GLU A 123 1.85 -2.02 -5.05
N SER A 124 2.74 -2.04 -6.05
CA SER A 124 2.35 -1.75 -7.43
C SER A 124 2.71 -2.98 -8.26
N THR A 125 1.84 -3.40 -9.17
CA THR A 125 2.17 -4.55 -10.01
C THR A 125 2.02 -4.19 -11.47
N VAL A 126 2.66 -4.96 -12.33
CA VAL A 126 2.58 -4.76 -13.77
C VAL A 126 2.38 -6.11 -14.42
N LYS A 127 1.42 -6.20 -15.32
CA LYS A 127 1.08 -7.40 -16.07
C LYS A 127 0.84 -6.95 -17.50
N SER A 128 0.82 -7.91 -18.44
CA SER A 128 0.65 -7.52 -19.82
C SER A 128 -0.80 -7.12 -20.10
N SER A 129 -1.02 -6.56 -21.28
CA SER A 129 -2.35 -6.26 -21.78
C SER A 129 -2.94 -7.42 -22.57
N GLY A 130 -2.55 -8.65 -22.26
CA GLY A 130 -2.83 -9.76 -23.15
C GLY A 130 -1.55 -10.28 -23.75
N GLY A 131 -1.29 -11.58 -23.60
CA GLY A 131 -0.08 -12.18 -24.10
C GLY A 131 1.06 -12.06 -23.12
N PRO A 132 2.28 -12.34 -23.60
CA PRO A 132 3.42 -12.38 -22.69
C PRO A 132 3.80 -11.00 -22.19
N PHE A 133 4.20 -10.95 -20.94
CA PHE A 133 4.73 -9.75 -20.33
C PHE A 133 6.25 -9.81 -20.47
N VAL A 134 6.83 -8.86 -21.18
CA VAL A 134 8.28 -8.80 -21.38
C VAL A 134 8.75 -7.38 -21.10
N VAL A 135 9.63 -7.21 -20.11
CA VAL A 135 10.28 -5.93 -19.84
C VAL A 135 11.76 -6.17 -19.56
N ASP A 136 12.59 -5.17 -19.89
CA ASP A 136 13.94 -5.12 -19.37
C ASP A 136 13.92 -4.48 -17.99
N VAL A 137 14.59 -5.11 -17.03
CA VAL A 137 14.66 -4.63 -15.66
C VAL A 137 16.00 -3.94 -15.48
N VAL A 138 15.97 -2.64 -15.18
CA VAL A 138 17.17 -1.80 -15.10
C VAL A 138 17.24 -1.24 -13.68
N ILE A 139 18.34 -1.49 -13.00
CA ILE A 139 18.49 -1.12 -11.59
C ILE A 139 19.58 -0.06 -11.52
N ASN A 140 19.21 1.15 -11.13
CA ASN A 140 20.18 2.26 -11.08
C ASN A 140 20.94 2.35 -12.40
N ASP A 141 20.19 2.30 -13.50
CA ASP A 141 20.73 2.46 -14.88
C ASP A 141 21.52 1.25 -15.37
N ILE A 142 21.55 0.15 -14.64
CA ILE A 142 22.30 -1.04 -15.03
C ILE A 142 21.31 -2.11 -15.47
N HIS A 143 21.51 -2.62 -16.69
CA HIS A 143 20.60 -3.64 -17.20
C HIS A 143 20.80 -4.90 -16.40
N PHE A 144 19.76 -5.30 -15.66
CA PHE A 144 19.85 -6.46 -14.79
C PHE A 144 19.32 -7.74 -15.40
N GLU A 145 18.15 -7.72 -16.00
CA GLU A 145 17.62 -8.95 -16.59
C GLU A 145 16.57 -8.56 -17.60
N ARG A 146 16.27 -9.49 -18.52
CA ARG A 146 15.07 -9.40 -19.35
C ARG A 146 14.06 -10.38 -18.79
N PHE A 147 12.97 -9.86 -18.26
CA PHE A 147 11.94 -10.67 -17.62
C PHE A 147 10.85 -11.01 -18.62
N ARG A 148 10.54 -12.31 -18.77
CA ARG A 148 9.42 -12.75 -19.59
C ARG A 148 8.57 -13.66 -18.71
N GLY A 149 7.30 -13.33 -18.56
CA GLY A 149 6.51 -14.07 -17.57
C GLY A 149 5.11 -13.50 -17.49
N ASP A 150 4.47 -13.66 -16.33
CA ASP A 150 3.15 -13.11 -16.15
C ASP A 150 3.16 -11.67 -15.65
N GLY A 151 4.19 -11.26 -14.93
CA GLY A 151 4.17 -9.94 -14.31
C GLY A 151 5.18 -9.79 -13.19
N LEU A 152 5.21 -8.59 -12.62
CA LEU A 152 6.12 -8.27 -11.52
C LEU A 152 5.37 -7.49 -10.44
N CYS A 153 5.83 -7.64 -9.20
CA CYS A 153 5.18 -6.98 -8.06
C CYS A 153 6.23 -6.29 -7.23
N MET A 154 6.02 -5.01 -6.93
CA MET A 154 6.94 -4.23 -6.11
C MET A 154 6.20 -3.79 -4.86
N SER A 155 6.66 -4.28 -3.70
CA SER A 155 5.91 -4.17 -2.46
C SER A 155 6.62 -3.23 -1.49
N THR A 156 5.83 -2.49 -0.71
CA THR A 156 6.33 -1.81 0.46
C THR A 156 6.61 -2.83 1.56
N PRO A 157 7.25 -2.40 2.64
CA PRO A 157 7.40 -3.30 3.81
C PRO A 157 6.07 -3.79 4.36
N SER A 158 5.11 -2.90 4.61
CA SER A 158 3.84 -3.38 5.16
C SER A 158 3.05 -4.14 4.10
N GLY A 159 3.36 -3.91 2.82
CA GLY A 159 2.77 -4.74 1.78
C GLY A 159 3.33 -6.15 1.71
N THR A 160 4.43 -6.43 2.40
CA THR A 160 5.05 -7.72 2.17
C THR A 160 4.17 -8.87 2.66
N THR A 161 3.21 -8.60 3.58
CA THR A 161 2.31 -9.65 4.02
C THR A 161 1.11 -9.84 3.08
N ALA A 162 1.04 -9.10 1.98
CA ALA A 162 -0.11 -9.15 1.09
C ALA A 162 0.28 -9.90 -0.18
N TYR A 163 0.03 -9.36 -1.38
CA TYR A 163 0.36 -10.05 -2.63
C TYR A 163 1.77 -10.62 -2.61
N ASN A 164 2.73 -9.80 -2.15
CA ASN A 164 4.13 -10.19 -2.08
C ASN A 164 4.29 -11.56 -1.41
N LYS A 165 3.56 -11.78 -0.32
CA LYS A 165 3.70 -13.05 0.39
C LYS A 165 3.24 -14.20 -0.49
N SER A 166 2.15 -13.99 -1.23
CA SER A 166 1.63 -15.07 -2.08
C SER A 166 2.57 -15.41 -3.21
N LEU A 167 3.44 -14.48 -3.56
CA LEU A 167 4.42 -14.66 -4.63
C LEU A 167 5.75 -15.18 -4.11
N GLY A 168 5.83 -15.52 -2.85
CA GLY A 168 7.08 -16.05 -2.34
C GLY A 168 8.01 -15.03 -1.75
N GLY A 169 7.56 -13.78 -1.59
CA GLY A 169 8.46 -12.75 -1.09
C GLY A 169 8.70 -12.90 0.40
N ALA A 170 9.76 -12.24 0.88
CA ALA A 170 10.05 -12.21 2.31
C ALA A 170 9.08 -11.26 3.02
N LEU A 171 8.78 -11.55 4.30
CA LEU A 171 8.07 -10.57 5.12
C LEU A 171 9.09 -9.67 5.77
N MET A 172 8.96 -8.36 5.63
CA MET A 172 9.96 -7.43 6.18
C MET A 172 9.33 -6.52 7.22
N HIS A 173 10.02 -6.31 8.35
CA HIS A 173 9.50 -5.39 9.34
C HIS A 173 9.36 -4.00 8.74
N PRO A 174 8.24 -3.30 8.96
CA PRO A 174 8.00 -2.03 8.25
C PRO A 174 8.85 -0.86 8.72
N SER A 175 9.72 -1.03 9.70
CA SER A 175 10.66 0.04 9.98
C SER A 175 11.80 0.07 8.97
N ILE A 176 11.94 -0.95 8.12
CA ILE A 176 13.00 -0.99 7.13
C ILE A 176 12.56 -0.18 5.92
N GLU A 177 13.37 0.80 5.52
CA GLU A 177 12.96 1.66 4.41
C GLU A 177 13.41 0.97 3.13
N ALA A 178 12.49 0.25 2.50
CA ALA A 178 12.89 -0.61 1.39
C ALA A 178 11.66 -0.92 0.54
N MET A 179 11.92 -1.52 -0.64
CA MET A 179 10.85 -2.04 -1.46
C MET A 179 11.32 -3.40 -1.96
N GLN A 180 10.37 -4.27 -2.31
CA GLN A 180 10.73 -5.66 -2.62
C GLN A 180 10.09 -6.07 -3.92
N LEU A 181 10.90 -6.61 -4.86
CA LEU A 181 10.40 -7.01 -6.17
C LEU A 181 10.23 -8.52 -6.22
N THR A 182 9.04 -9.00 -6.57
CA THR A 182 8.84 -10.43 -6.75
C THR A 182 8.37 -10.72 -8.17
N GLU A 183 8.73 -11.91 -8.65
CA GLU A 183 8.29 -12.39 -9.96
C GLU A 183 6.93 -13.04 -9.94
N MET A 184 6.22 -12.98 -11.08
CA MET A 184 5.03 -13.81 -11.29
C MET A 184 5.36 -14.70 -12.47
N ALA A 185 5.66 -15.98 -12.21
CA ALA A 185 5.73 -17.00 -13.28
C ALA A 185 6.68 -16.60 -14.41
N SER A 186 7.93 -16.41 -14.07
CA SER A 186 8.92 -16.16 -15.12
CA SER A 186 8.93 -16.16 -15.10
C SER A 186 9.23 -17.47 -15.85
N ILE A 187 9.44 -17.37 -17.17
CA ILE A 187 9.92 -18.54 -17.89
C ILE A 187 11.43 -18.61 -17.70
N ASN A 188 11.98 -19.79 -17.51
CA ASN A 188 13.45 -19.89 -17.51
C ASN A 188 13.85 -21.08 -18.35
N ASN A 189 14.63 -20.85 -19.41
CA ASN A 189 15.11 -21.96 -20.19
C ASN A 189 16.38 -21.50 -20.89
N ARG A 190 16.74 -22.18 -21.96
CA ARG A 190 18.01 -21.89 -22.62
C ARG A 190 18.05 -20.45 -23.15
N VAL A 191 16.90 -19.89 -23.48
CA VAL A 191 16.84 -18.56 -24.09
C VAL A 191 16.63 -17.48 -23.04
N TYR A 192 15.79 -17.76 -22.02
CA TYR A 192 15.34 -16.76 -21.07
C TYR A 192 15.89 -17.05 -19.67
N ARG A 193 16.28 -15.98 -18.94
CA ARG A 193 16.91 -16.15 -17.62
C ARG A 193 16.55 -14.99 -16.69
N THR A 194 15.99 -15.29 -15.52
CA THR A 194 15.77 -14.24 -14.53
C THR A 194 16.38 -14.69 -13.21
N ILE A 195 16.44 -13.76 -12.26
CA ILE A 195 17.06 -14.08 -10.99
C ILE A 195 16.20 -15.06 -10.18
N GLY A 196 14.87 -15.02 -10.32
CA GLY A 196 14.01 -15.92 -9.55
C GLY A 196 13.71 -15.38 -8.17
N SER A 197 14.76 -15.15 -7.40
CA SER A 197 14.64 -14.72 -6.01
C SER A 197 13.97 -13.35 -5.91
N PRO A 198 13.24 -13.08 -4.84
CA PRO A 198 12.80 -11.72 -4.56
C PRO A 198 14.01 -10.83 -4.36
N LEU A 199 13.87 -9.54 -4.70
CA LEU A 199 14.98 -8.59 -4.56
C LEU A 199 14.53 -7.46 -3.65
N VAL A 200 15.38 -7.09 -2.70
CA VAL A 200 15.02 -6.08 -1.71
C VAL A 200 15.96 -4.88 -1.90
N PHE A 201 15.36 -3.71 -2.11
CA PHE A 201 16.07 -2.51 -2.53
C PHE A 201 15.96 -1.45 -1.43
N PRO A 202 17.03 -0.70 -1.14
CA PRO A 202 16.95 0.36 -0.13
C PRO A 202 16.47 1.66 -0.75
N LYS A 203 16.33 2.68 0.10
CA LYS A 203 15.96 4.00 -0.40
C LYS A 203 16.99 4.47 -1.41
N HIS A 204 16.54 5.30 -2.36
CA HIS A 204 17.34 5.92 -3.42
C HIS A 204 17.75 4.96 -4.53
N HIS A 205 17.53 3.66 -4.39
CA HIS A 205 17.68 2.80 -5.55
C HIS A 205 16.46 2.95 -6.46
N VAL A 206 16.68 2.98 -7.76
CA VAL A 206 15.60 3.12 -8.71
C VAL A 206 15.58 1.89 -9.59
N VAL A 207 14.41 1.27 -9.70
CA VAL A 207 14.20 0.12 -10.56
C VAL A 207 13.31 0.58 -11.68
N SER A 208 13.79 0.44 -12.91
CA SER A 208 13.13 0.91 -14.11
C SER A 208 12.74 -0.31 -14.95
N LEU A 209 11.47 -0.40 -15.31
CA LEU A 209 10.98 -1.44 -16.21
C LEU A 209 10.77 -0.80 -17.58
N GLN A 210 11.39 -1.37 -18.61
CA GLN A 210 11.35 -0.81 -19.95
C GLN A 210 10.81 -1.83 -20.94
N PRO A 211 9.81 -1.48 -21.72
CA PRO A 211 9.19 -2.43 -22.66
C PRO A 211 10.13 -2.85 -23.77
N VAL A 212 9.88 -4.05 -24.29
CA VAL A 212 10.70 -4.64 -25.33
C VAL A 212 9.98 -4.63 -26.67
N ASN A 213 8.73 -5.06 -26.70
CA ASN A 213 7.92 -4.97 -27.92
C ASN A 213 6.56 -4.35 -27.62
N ASP A 214 5.68 -5.08 -26.95
CA ASP A 214 4.38 -4.55 -26.59
C ASP A 214 4.56 -3.40 -25.61
N LYS A 215 3.77 -2.35 -25.75
CA LYS A 215 3.91 -1.19 -24.90
C LYS A 215 2.68 -0.91 -24.03
N ASP A 216 1.69 -1.78 -24.04
CA ASP A 216 0.50 -1.62 -23.22
C ASP A 216 0.60 -2.56 -22.02
N PHE A 217 0.31 -2.05 -20.83
CA PHE A 217 0.45 -2.83 -19.61
C PHE A 217 -0.70 -2.53 -18.68
N GLN A 218 -1.10 -3.54 -17.92
CA GLN A 218 -2.05 -3.37 -16.82
C GLN A 218 -1.25 -3.04 -15.57
N ILE A 219 -1.39 -1.82 -15.06
CA ILE A 219 -0.62 -1.40 -13.90
C ILE A 219 -1.57 -1.26 -12.71
N SER A 220 -1.22 -1.89 -11.59
CA SER A 220 -2.05 -1.77 -10.38
C SER A 220 -1.29 -0.99 -9.32
N VAL A 221 -2.02 -0.24 -8.51
CA VAL A 221 -1.47 0.39 -7.32
C VAL A 221 -2.47 0.07 -6.23
N ASP A 222 -2.09 -0.77 -5.29
CA ASP A 222 -3.00 -1.20 -4.22
C ASP A 222 -4.26 -1.75 -4.90
N HIS A 223 -5.44 -1.35 -4.48
CA HIS A 223 -6.60 -1.99 -5.08
C HIS A 223 -6.91 -1.57 -6.53
N LEU A 224 -6.27 -0.54 -7.06
CA LEU A 224 -6.66 0.09 -8.33
C LEU A 224 -5.87 -0.50 -9.50
N SER A 225 -6.55 -0.85 -10.59
CA SER A 225 -5.87 -1.44 -11.75
C SER A 225 -6.33 -0.78 -13.05
N ILE A 226 -5.38 -0.22 -13.80
CA ILE A 226 -5.67 0.55 -14.99
C ILE A 226 -4.79 0.06 -16.13
N LEU A 227 -5.36 0.00 -17.35
CA LEU A 227 -4.58 -0.34 -18.53
C LEU A 227 -3.92 0.92 -19.05
N HIS A 228 -2.60 0.93 -19.07
CA HIS A 228 -1.80 2.07 -19.50
C HIS A 228 -1.26 1.80 -20.89
N ARG A 229 -1.31 2.81 -21.74
CA ARG A 229 -1.03 2.68 -23.16
C ARG A 229 0.19 3.52 -23.55
N ASP A 230 0.95 3.02 -24.52
CA ASP A 230 2.15 3.72 -25.02
C ASP A 230 3.10 4.05 -23.88
N VAL A 231 3.33 3.07 -23.00
CA VAL A 231 4.21 3.22 -21.86
C VAL A 231 5.65 3.11 -22.33
N GLN A 232 6.49 4.04 -21.88
CA GLN A 232 7.92 4.03 -22.18
C GLN A 232 8.74 3.53 -21.01
N GLU A 233 8.23 3.68 -19.79
CA GLU A 233 9.03 3.35 -18.62
C GLU A 233 8.14 3.33 -17.41
N ILE A 234 8.40 2.39 -16.50
CA ILE A 234 7.79 2.36 -15.17
C ILE A 234 8.94 2.39 -14.17
N ARG A 235 8.96 3.39 -13.27
CA ARG A 235 10.05 3.55 -12.32
C ARG A 235 9.54 3.38 -10.90
N TYR A 236 10.22 2.55 -10.13
CA TYR A 236 9.91 2.31 -8.72
C TYR A 236 11.02 2.85 -7.84
N GLU A 237 10.64 3.52 -6.75
CA GLU A 237 11.59 3.92 -5.72
C GLU A 237 10.84 4.11 -4.41
N VAL A 238 11.57 3.96 -3.32
CA VAL A 238 10.95 4.19 -2.01
C VAL A 238 10.58 5.66 -1.94
N SER A 239 9.35 5.94 -1.48
CA SER A 239 8.90 7.33 -1.50
C SER A 239 9.60 8.10 -0.39
N ALA A 240 9.69 9.42 -0.58
CA ALA A 240 10.04 10.29 0.54
C ALA A 240 8.87 10.47 1.50
N LYS A 241 7.65 10.21 1.06
CA LYS A 241 6.47 10.39 1.89
C LYS A 241 6.26 9.16 2.75
N LYS A 242 5.59 9.35 3.90
CA LYS A 242 5.32 8.26 4.83
C LYS A 242 3.88 8.37 5.28
N ILE A 243 3.27 7.22 5.55
CA ILE A 243 1.97 7.20 6.20
C ILE A 243 2.18 7.11 7.70
N HIS A 244 1.38 7.87 8.43
CA HIS A 244 1.47 7.99 9.88
C HIS A 244 0.26 7.33 10.50
N PHE A 245 0.49 6.43 11.46
CA PHE A 245 -0.57 5.82 12.25
C PHE A 245 -0.64 6.41 13.66
N ALA A 246 -1.84 6.58 14.17
CA ALA A 246 -1.96 6.77 15.60
C ALA A 246 -1.83 5.40 16.26
N ARG A 247 -1.01 5.29 17.30
CA ARG A 247 -1.00 4.05 18.07
C ARG A 247 -1.34 4.38 19.51
N PHE A 248 -2.20 3.57 20.12
CA PHE A 248 -2.56 3.79 21.51
C PHE A 248 -2.11 2.65 22.41
N ARG A 249 -1.54 1.58 21.86
CA ARG A 249 -0.94 0.52 22.64
C ARG A 249 0.08 -0.20 21.76
N SER A 250 0.81 -1.13 22.36
CA SER A 250 1.72 -1.97 21.62
C SER A 250 0.93 -3.08 20.94
N PHE A 251 1.02 -3.14 19.63
CA PHE A 251 0.58 -4.30 18.85
C PHE A 251 1.69 -4.53 17.85
N PRO A 252 2.74 -5.27 18.24
CA PRO A 252 3.91 -5.39 17.37
C PRO A 252 3.61 -6.06 16.04
N PHE A 253 4.28 -5.58 14.99
CA PHE A 253 4.16 -6.17 13.66
C PHE A 253 4.28 -7.69 13.71
N TRP A 254 5.30 -8.21 14.41
CA TRP A 254 5.50 -9.65 14.34
C TRP A 254 4.40 -10.37 15.08
N ARG A 255 3.78 -9.72 16.06
CA ARG A 255 2.61 -10.32 16.67
C ARG A 255 1.40 -10.28 15.72
N ARG A 256 1.25 -9.20 14.95
CA ARG A 256 0.21 -9.15 13.92
C ARG A 256 0.43 -10.25 12.88
N VAL A 257 1.69 -10.46 12.46
CA VAL A 257 1.98 -11.56 11.56
C VAL A 257 1.57 -12.87 12.18
N HIS A 258 1.97 -13.10 13.44
CA HIS A 258 1.62 -14.35 14.12
C HIS A 258 0.11 -14.49 14.19
N ASP A 259 -0.57 -13.44 14.58
CA ASP A 259 -2.00 -13.54 14.77
C ASP A 259 -2.73 -13.84 13.47
N SER A 260 -2.19 -13.35 12.34
CA SER A 260 -2.87 -13.51 11.06
C SER A 260 -2.56 -14.81 10.35
N PHE A 261 -1.34 -15.34 10.50
CA PHE A 261 -0.93 -16.48 9.69
C PHE A 261 -0.66 -17.75 10.48
N ILE A 262 -0.41 -17.64 11.79
CA ILE A 262 -0.01 -18.79 12.59
C ILE A 262 -1.17 -19.29 13.44
N GLU A 263 -1.74 -18.43 14.24
CA GLU A 263 -2.75 -18.96 15.13
C GLU A 263 -3.77 -17.92 15.41
C1 CIT B . 6.79 -2.97 16.12
O1 CIT B . 6.42 -3.86 15.32
O2 CIT B . 7.50 -3.31 17.09
C2 CIT B . 6.39 -1.51 15.96
C3 CIT B . 4.90 -1.31 15.79
O7 CIT B . 4.15 -2.08 16.78
C4 CIT B . 4.53 0.17 15.91
C5 CIT B . 4.38 0.63 17.35
O3 CIT B . 5.15 1.51 17.78
O4 CIT B . 3.48 0.17 18.11
C6 CIT B . 4.47 -1.79 14.41
O5 CIT B . 4.93 -1.24 13.38
O6 CIT B . 3.65 -2.73 14.28
C1 V2Y C . -3.44 -7.91 3.65
C2 V2Y C . -2.73 -6.74 3.50
C3 V2Y C . -1.47 -6.63 4.09
C4 V2Y C . -4.55 -6.56 2.39
N1 V2Y C . -1.06 -7.67 4.82
N2 V2Y C . -2.97 -8.91 4.39
C5 V2Y C . -3.86 -8.10 -2.54
C6 V2Y C . -1.79 -8.77 4.95
C7 V2Y C . -2.89 -6.95 -2.88
C8 V2Y C . -3.84 -5.73 -2.93
C9 V2Y C . -5.01 -6.18 -2.05
C10 V2Y C . -6.30 -5.39 -2.26
C11 V2Y C . -9.23 -8.43 -3.37
C12 V2Y C . -7.82 -8.59 -3.99
C13 V2Y C . -7.37 -10.06 -4.00
C14 V2Y C . -7.07 -10.56 -5.28
C15 V2Y C . -6.70 -11.89 -5.49
C16 V2Y C . -6.64 -12.76 -4.40
C17 V2Y C . -6.98 -12.29 -3.14
C18 V2Y C . -7.44 -10.97 -2.93
C19 V2Y C . -7.70 -10.61 -1.46
C20 V2Y C . -7.72 -8.97 0.38
C21 V2Y C . -7.30 -9.92 1.49
C22 V2Y C . -5.70 -8.84 2.92
C23 V2Y C . -7.10 -8.34 3.31
C24 V2Y C . -7.81 -9.62 2.94
C25 V2Y C . -5.49 -5.97 1.57
C26 V2Y C . -6.35 -5.52 0.87
C27 V2Y C . -7.46 -5.13 0.02
C28 V2Y C . -3.96 -9.04 -4.77
C29 V2Y C . -3.45 -11.10 -4.37
C30 V2Y C . -3.45 -10.43 -3.16
C31 V2Y C . -2.86 -12.35 -2.06
C32 V2Y C . -3.13 -12.44 -4.36
N3 V2Y C . -0.71 -5.53 3.91
N4 V2Y C . -3.43 -5.92 2.71
N5 V2Y C . -4.58 -7.79 3.00
N6 V2Y C . -9.64 -7.18 -3.16
N7 V2Y C . -7.48 -9.36 -1.03
N8 V2Y C . -3.77 -9.18 -3.43
N9 V2Y C . -3.78 -10.23 -5.35
N10 V2Y C . -3.16 -11.05 -2.01
N11 V2Y C . -2.85 -13.04 -3.19
N12 V2Y C . -3.12 -13.14 -5.51
O1 V2Y C . -1.91 -6.81 -1.86
O2 V2Y C . -3.24 -4.54 -2.47
O3 V2Y C . -5.16 -7.55 -2.41
O4 V2Y C . -7.36 -5.73 -1.35
O5 V2Y C . -9.90 -9.41 -3.05
O6 V2Y C . -8.46 -11.34 -0.83
O7 V2Y C . -5.92 -9.24 1.56
O8 V2Y C . -7.22 -8.25 4.75
O9 V2Y C . -7.59 -10.68 3.85
#